data_3LKS
#
_entry.id   3LKS
#
_cell.length_a   51.230
_cell.length_b   82.070
_cell.length_c   110.410
_cell.angle_alpha   90.000
_cell.angle_beta   90.000
_cell.angle_gamma   90.000
#
_symmetry.space_group_name_H-M   'P 21 21 21'
#
loop_
_entity.id
_entity.type
_entity.pdbx_description
1 polymer 'HLA class I histocompatibility antigen, B-35 alpha chain'
2 polymer Beta-2-microglobulin
3 polymer 'NP418 epitope from 1980 influenza strain'
4 water water
#
loop_
_entity_poly.entity_id
_entity_poly.type
_entity_poly.pdbx_seq_one_letter_code
_entity_poly.pdbx_strand_id
1 'polypeptide(L)'
;GSHSMRYFYTAMSRPGRGEPRFIAVGYVDDTQFVRFDSDAASPRTEPRAPWIEQEGPEYWDRNTQIFKTNTQTYRESLRN
LRGYYNQSEAGSHIIQRMYGCDLGPDGRLLRGHDQSAYDGKDYIALNEDLSSWTAADTAAQITQRKWEAARVAEQLRAYL
EGLCVEWLRRYLENGKETLQRADPPKTHVTHHPVSDHEATLRCWALGFYPAEITLTWQRDGEDQTQDTELVETRPAGDRT
FQKWAAVVVPSGEEQRYTCHVQHEGLPKPLTLRWEP
;
A
2 'polypeptide(L)'
;MIQRTPKIQVYSRHPAENGKSNFLNCYVSGFHPSDIEVDLLKNGERIEKVEHSDLSFSKDWSFYLLYYTEFTPTEKDEYA
CRVNHVTLSQPKIVKWDRDM
;
B
3 'polypeptide(L)' LPFEKSTVM C
#
# COMPACT_ATOMS: atom_id res chain seq x y z
N GLY A 1 -0.17 20.76 5.02
CA GLY A 1 -0.53 19.42 5.62
C GLY A 1 -1.90 18.91 5.20
N SER A 2 -1.95 18.21 4.06
N SER A 2 -2.00 18.35 4.01
CA SER A 2 -3.16 17.59 3.48
CA SER A 2 -3.23 17.66 3.61
C SER A 2 -3.29 16.09 3.84
C SER A 2 -3.13 16.27 4.20
N HIS A 3 -4.27 15.76 4.66
CA HIS A 3 -4.33 14.45 5.31
C HIS A 3 -5.58 13.68 4.94
N SER A 4 -5.51 12.35 5.06
CA SER A 4 -6.66 11.53 4.79
C SER A 4 -6.67 10.34 5.73
N MET A 5 -7.85 9.74 5.87
CA MET A 5 -8.02 8.46 6.54
C MET A 5 -8.70 7.49 5.60
N ARG A 6 -8.26 6.22 5.59
CA ARG A 6 -8.86 5.20 4.75
C ARG A 6 -8.95 3.88 5.47
N TYR A 7 -10.03 3.15 5.22
CA TYR A 7 -10.12 1.74 5.63
C TYR A 7 -10.18 0.91 4.38
N PHE A 8 -9.48 -0.22 4.43
CA PHE A 8 -9.37 -1.15 3.32
C PHE A 8 -9.87 -2.52 3.80
N TYR A 9 -10.91 -3.04 3.15
CA TYR A 9 -11.48 -4.31 3.50
C TYR A 9 -11.25 -5.24 2.33
N THR A 10 -10.86 -6.47 2.66
CA THR A 10 -10.68 -7.56 1.71
C THR A 10 -11.43 -8.78 2.26
N ALA A 11 -12.42 -9.23 1.49
CA ALA A 11 -13.18 -10.47 1.79
C ALA A 11 -12.94 -11.47 0.67
N MET A 12 -12.43 -12.65 1.05
CA MET A 12 -11.98 -13.63 0.06
C MET A 12 -12.56 -15.00 0.38
N SER A 13 -13.36 -15.52 -0.55
CA SER A 13 -13.85 -16.89 -0.47
C SER A 13 -12.75 -17.91 -0.82
N ARG A 14 -12.90 -19.15 -0.34
CA ARG A 14 -11.90 -20.21 -0.55
C ARG A 14 -12.58 -21.58 -0.35
N PRO A 15 -13.34 -22.01 -1.35
CA PRO A 15 -14.03 -23.30 -1.25
C PRO A 15 -12.99 -24.43 -1.33
N GLY A 16 -13.05 -25.57 -0.63
CA GLY A 16 -13.57 -25.81 0.67
C GLY A 16 -12.32 -25.82 1.55
N ARG A 17 -11.94 -24.61 1.90
CA ARG A 17 -10.87 -24.38 2.86
C ARG A 17 -11.48 -23.44 3.88
N GLY A 18 -12.74 -23.72 4.22
CA GLY A 18 -13.45 -22.97 5.26
C GLY A 18 -14.15 -21.72 4.72
N GLU A 19 -14.61 -20.89 5.66
CA GLU A 19 -15.42 -19.70 5.35
C GLU A 19 -14.52 -18.57 4.85
N PRO A 20 -15.10 -17.59 4.11
CA PRO A 20 -14.29 -16.48 3.58
C PRO A 20 -13.56 -15.72 4.68
N ARG A 21 -12.32 -15.37 4.39
CA ARG A 21 -11.54 -14.56 5.28
C ARG A 21 -11.92 -13.08 5.07
N PHE A 22 -12.09 -12.35 6.16
CA PHE A 22 -12.31 -10.90 6.15
C PHE A 22 -11.16 -10.21 6.89
N ILE A 23 -10.50 -9.28 6.22
N ILE A 23 -10.48 -9.32 6.18
CA ILE A 23 -9.44 -8.53 6.89
CA ILE A 23 -9.43 -8.48 6.76
C ILE A 23 -9.59 -7.04 6.59
C ILE A 23 -9.85 -7.02 6.63
N ALA A 24 -9.53 -6.22 7.64
CA ALA A 24 -9.68 -4.77 7.54
C ALA A 24 -8.41 -4.14 8.04
N VAL A 25 -7.93 -3.11 7.36
CA VAL A 25 -6.83 -2.32 7.89
C VAL A 25 -7.22 -0.85 7.77
N GLY A 26 -6.73 -0.04 8.70
CA GLY A 26 -6.97 1.40 8.65
C GLY A 26 -5.68 2.18 8.60
N TYR A 27 -5.69 3.27 7.81
CA TYR A 27 -4.54 4.10 7.56
C TYR A 27 -4.90 5.55 7.78
N VAL A 28 -3.94 6.31 8.31
CA VAL A 28 -3.97 7.77 8.22
C VAL A 28 -2.80 8.10 7.32
N ASP A 29 -3.08 8.70 6.16
CA ASP A 29 -2.01 8.98 5.16
C ASP A 29 -1.28 7.67 4.82
N ASP A 30 0.06 7.65 4.91
CA ASP A 30 0.82 6.42 4.68
C ASP A 30 1.15 5.58 5.91
N THR A 31 0.41 5.76 7.01
CA THR A 31 0.70 5.04 8.24
C THR A 31 -0.48 4.16 8.60
N GLN A 32 -0.26 2.86 8.65
CA GLN A 32 -1.29 1.95 9.13
C GLN A 32 -1.43 2.05 10.63
N PHE A 33 -2.65 2.09 11.14
CA PHE A 33 -2.83 2.16 12.60
C PHE A 33 -3.63 1.02 13.28
N VAL A 34 -4.45 0.29 12.52
CA VAL A 34 -5.27 -0.81 13.09
C VAL A 34 -5.40 -1.94 12.09
N ARG A 35 -5.65 -3.14 12.58
N ARG A 35 -5.69 -3.14 12.60
CA ARG A 35 -5.99 -4.26 11.72
CA ARG A 35 -5.94 -4.30 11.78
C ARG A 35 -7.00 -5.15 12.42
C ARG A 35 -6.98 -5.18 12.43
N PHE A 36 -7.77 -5.87 11.60
CA PHE A 36 -8.65 -6.94 12.07
C PHE A 36 -8.57 -8.09 11.07
N ASP A 37 -8.41 -9.32 11.57
CA ASP A 37 -8.33 -10.48 10.72
C ASP A 37 -9.24 -11.61 11.26
N SER A 38 -10.26 -11.99 10.49
CA SER A 38 -11.16 -13.07 10.87
C SER A 38 -10.40 -14.39 11.02
N ASP A 39 -9.19 -14.48 10.43
CA ASP A 39 -8.37 -15.71 10.55
C ASP A 39 -7.48 -15.83 11.80
N ALA A 40 -7.33 -14.74 12.56
CA ALA A 40 -6.46 -14.74 13.71
C ALA A 40 -6.97 -15.71 14.79
N ALA A 41 -6.05 -16.33 15.51
CA ALA A 41 -6.39 -17.24 16.62
C ALA A 41 -7.57 -16.68 17.46
N SER A 42 -7.49 -15.39 17.82
CA SER A 42 -8.59 -14.69 18.52
C SER A 42 -8.90 -13.36 17.81
N PRO A 43 -9.92 -13.35 16.93
CA PRO A 43 -10.14 -12.16 16.11
C PRO A 43 -10.55 -10.94 16.94
N ARG A 44 -9.73 -9.91 16.84
CA ARG A 44 -9.98 -8.66 17.52
C ARG A 44 -9.27 -7.57 16.77
N THR A 45 -9.78 -6.34 16.91
CA THR A 45 -9.06 -5.18 16.39
C THR A 45 -7.79 -4.97 17.21
N GLU A 46 -6.68 -4.80 16.52
CA GLU A 46 -5.38 -4.67 17.14
C GLU A 46 -4.67 -3.37 16.70
N PRO A 47 -3.97 -2.69 17.63
CA PRO A 47 -3.25 -1.46 17.25
C PRO A 47 -2.03 -1.79 16.41
N ARG A 48 -1.69 -0.92 15.47
CA ARG A 48 -0.51 -1.12 14.61
C ARG A 48 0.33 0.17 14.51
N ALA A 49 -0.01 1.16 15.32
CA ALA A 49 0.81 2.37 15.47
C ALA A 49 0.73 2.83 16.94
N PRO A 50 1.86 3.31 17.49
CA PRO A 50 1.90 3.62 18.93
C PRO A 50 0.84 4.64 19.43
N TRP A 51 0.53 5.65 18.62
CA TRP A 51 -0.42 6.69 19.02
C TRP A 51 -1.87 6.24 19.13
N ILE A 52 -2.23 5.11 18.53
CA ILE A 52 -3.58 4.58 18.69
C ILE A 52 -3.71 3.80 20.01
N GLU A 53 -2.60 3.37 20.61
CA GLU A 53 -2.69 2.48 21.80
C GLU A 53 -3.37 3.12 23.02
N GLN A 54 -3.33 4.45 23.09
CA GLN A 54 -3.96 5.21 24.17
C GLN A 54 -5.48 5.12 24.14
N GLU A 55 -6.06 4.66 23.02
CA GLU A 55 -7.51 4.54 22.96
C GLU A 55 -7.89 3.45 23.96
N GLY A 56 -9.02 3.65 24.64
CA GLY A 56 -9.44 2.74 25.70
C GLY A 56 -10.30 1.57 25.21
N PRO A 57 -10.48 0.55 26.09
CA PRO A 57 -11.28 -0.67 25.90
C PRO A 57 -12.55 -0.48 25.08
N GLU A 58 -13.28 0.61 25.33
CA GLU A 58 -14.52 0.89 24.63
C GLU A 58 -14.28 1.12 23.12
N TYR A 59 -13.20 1.83 22.76
CA TYR A 59 -12.80 1.98 21.33
C TYR A 59 -12.54 0.61 20.72
N TRP A 60 -11.69 -0.19 21.37
CA TRP A 60 -11.32 -1.51 20.84
C TRP A 60 -12.52 -2.44 20.67
N ASP A 61 -13.41 -2.47 21.66
CA ASP A 61 -14.64 -3.23 21.55
C ASP A 61 -15.55 -2.73 20.44
N ARG A 62 -15.69 -1.42 20.31
CA ARG A 62 -16.51 -0.82 19.25
C ARG A 62 -16.05 -1.28 17.87
N ASN A 63 -14.74 -1.21 17.66
CA ASN A 63 -14.13 -1.58 16.40
C ASN A 63 -14.38 -3.06 16.14
N THR A 64 -14.09 -3.89 17.14
CA THR A 64 -14.20 -5.34 17.00
C THR A 64 -15.63 -5.75 16.67
N GLN A 65 -16.62 -5.12 17.33
CA GLN A 65 -18.03 -5.42 17.04
C GLN A 65 -18.42 -5.13 15.58
N ILE A 66 -17.90 -4.03 15.03
CA ILE A 66 -18.18 -3.63 13.67
C ILE A 66 -17.52 -4.60 12.65
N PHE A 67 -16.24 -4.88 12.85
CA PHE A 67 -15.52 -5.82 11.99
C PHE A 67 -16.06 -7.25 12.09
N LYS A 68 -16.55 -7.67 13.27
CA LYS A 68 -17.18 -9.01 13.37
C LYS A 68 -18.48 -9.05 12.57
N THR A 69 -19.30 -8.01 12.71
CA THR A 69 -20.52 -7.92 11.91
C THR A 69 -20.18 -7.89 10.41
N ASN A 70 -19.10 -7.18 10.07
CA ASN A 70 -18.70 -7.09 8.65
C ASN A 70 -18.22 -8.42 8.12
N THR A 71 -17.59 -9.23 8.98
CA THR A 71 -17.15 -10.56 8.58
C THR A 71 -18.35 -11.36 8.08
N GLN A 72 -19.43 -11.35 8.86
CA GLN A 72 -20.66 -12.08 8.50
C GLN A 72 -21.35 -11.45 7.27
N THR A 73 -21.39 -10.12 7.20
CA THR A 73 -22.03 -9.43 6.09
C THR A 73 -21.31 -9.72 4.77
N TYR A 74 -19.99 -9.64 4.77
CA TYR A 74 -19.24 -9.93 3.57
C TYR A 74 -19.36 -11.36 3.07
N ARG A 75 -19.48 -12.32 3.98
CA ARG A 75 -19.68 -13.69 3.55
C ARG A 75 -21.01 -13.81 2.79
N GLU A 76 -22.04 -13.11 3.26
CA GLU A 76 -23.31 -13.11 2.54
C GLU A 76 -23.17 -12.39 1.20
N SER A 77 -22.43 -11.29 1.18
CA SER A 77 -22.24 -10.55 -0.07
C SER A 77 -21.52 -11.38 -1.12
N LEU A 78 -20.52 -12.16 -0.69
CA LEU A 78 -19.82 -13.07 -1.58
C LEU A 78 -20.77 -14.10 -2.19
N ARG A 79 -21.65 -14.65 -1.36
CA ARG A 79 -22.68 -15.57 -1.86
C ARG A 79 -23.55 -14.85 -2.89
N ASN A 80 -23.92 -13.61 -2.58
CA ASN A 80 -24.86 -12.86 -3.44
C ASN A 80 -24.25 -12.56 -4.78
N LEU A 81 -23.02 -12.04 -4.76
CA LEU A 81 -22.34 -11.70 -6.00
C LEU A 81 -21.99 -12.91 -6.85
N ARG A 82 -21.65 -14.04 -6.22
CA ARG A 82 -21.49 -15.26 -6.98
C ARG A 82 -22.79 -15.54 -7.73
N GLY A 83 -23.92 -15.41 -7.02
CA GLY A 83 -25.25 -15.51 -7.65
C GLY A 83 -25.48 -14.53 -8.81
N TYR A 84 -25.16 -13.25 -8.59
CA TYR A 84 -25.40 -12.23 -9.62
C TYR A 84 -24.68 -12.50 -10.91
N TYR A 85 -23.54 -13.20 -10.83
CA TYR A 85 -22.71 -13.43 -12.00
C TYR A 85 -22.83 -14.87 -12.51
N ASN A 86 -23.76 -15.64 -11.92
CA ASN A 86 -23.98 -17.04 -12.34
C ASN A 86 -22.69 -17.90 -12.25
N GLN A 87 -21.92 -17.65 -11.20
CA GLN A 87 -20.63 -18.30 -11.02
C GLN A 87 -20.83 -19.60 -10.26
N SER A 88 -19.97 -20.58 -10.50
CA SER A 88 -20.03 -21.84 -9.77
C SER A 88 -19.46 -21.69 -8.36
N GLU A 89 -19.75 -22.67 -7.50
CA GLU A 89 -19.21 -22.68 -6.13
C GLU A 89 -17.74 -23.08 -6.03
N ALA A 90 -17.07 -23.23 -7.18
CA ALA A 90 -15.74 -23.90 -7.33
C ALA A 90 -14.41 -23.45 -6.65
N GLY A 91 -13.82 -22.28 -6.89
CA GLY A 91 -14.39 -21.01 -7.40
C GLY A 91 -14.05 -19.90 -6.36
N SER A 92 -12.82 -19.39 -6.32
CA SER A 92 -12.45 -18.39 -5.28
C SER A 92 -12.66 -16.89 -5.71
N HIS A 93 -13.34 -16.09 -4.90
CA HIS A 93 -13.63 -14.67 -5.29
C HIS A 93 -13.29 -13.65 -4.22
N ILE A 94 -13.12 -12.40 -4.65
CA ILE A 94 -12.71 -11.34 -3.73
C ILE A 94 -13.61 -10.11 -3.80
N ILE A 95 -14.14 -9.64 -2.67
CA ILE A 95 -14.73 -8.31 -2.60
C ILE A 95 -13.74 -7.41 -1.87
N GLN A 96 -13.50 -6.21 -2.40
CA GLN A 96 -12.68 -5.22 -1.74
C GLN A 96 -13.45 -3.94 -1.61
N ARG A 97 -13.17 -3.19 -0.54
N ARG A 97 -13.17 -3.19 -0.54
CA ARG A 97 -13.82 -1.91 -0.31
CA ARG A 97 -13.83 -1.93 -0.26
C ARG A 97 -12.78 -0.98 0.27
C ARG A 97 -12.78 -0.98 0.29
N MET A 98 -12.74 0.26 -0.21
CA MET A 98 -11.89 1.31 0.37
C MET A 98 -12.75 2.57 0.49
N TYR A 99 -12.82 3.12 1.71
CA TYR A 99 -13.64 4.30 1.97
C TYR A 99 -12.89 5.22 2.92
N GLY A 100 -13.24 6.51 2.91
CA GLY A 100 -12.63 7.40 3.89
C GLY A 100 -12.79 8.84 3.50
N CYS A 101 -12.08 9.72 4.20
CA CYS A 101 -12.27 11.14 4.07
C CYS A 101 -10.94 11.80 3.84
N ASP A 102 -10.94 12.86 3.02
CA ASP A 102 -9.77 13.69 2.80
C ASP A 102 -9.99 15.07 3.46
N LEU A 103 -8.99 15.56 4.19
CA LEU A 103 -9.01 16.92 4.74
C LEU A 103 -8.10 17.80 3.90
N GLY A 104 -8.41 19.09 3.79
CA GLY A 104 -7.45 20.06 3.24
C GLY A 104 -6.42 20.52 4.28
N PRO A 105 -5.53 21.47 3.90
CA PRO A 105 -4.40 21.92 4.77
C PRO A 105 -4.28 23.33 5.47
N ASP A 106 -5.30 24.07 5.94
CA ASP A 106 -6.74 23.78 5.93
C ASP A 106 -7.01 22.64 6.93
N GLY A 107 -8.22 22.07 7.00
CA GLY A 107 -8.53 21.05 8.01
C GLY A 107 -9.98 20.55 7.94
N ARG A 108 -10.69 20.96 6.89
CA ARG A 108 -12.11 20.59 6.72
C ARG A 108 -12.30 19.57 5.60
N LEU A 109 -13.43 18.85 5.67
CA LEU A 109 -13.74 17.79 4.71
C LEU A 109 -13.59 18.28 3.28
N LEU A 110 -12.58 17.77 2.58
CA LEU A 110 -12.34 18.14 1.19
C LEU A 110 -13.22 17.29 0.29
N ARG A 111 -13.24 15.98 0.55
CA ARG A 111 -14.15 15.04 -0.11
C ARG A 111 -14.09 13.65 0.50
N GLY A 112 -15.15 12.89 0.29
CA GLY A 112 -15.26 11.55 0.86
C GLY A 112 -15.25 10.54 -0.24
N HIS A 113 -14.96 9.29 0.14
CA HIS A 113 -14.81 8.22 -0.82
C HIS A 113 -15.45 6.97 -0.24
N ASP A 114 -16.08 6.18 -1.09
CA ASP A 114 -16.48 4.81 -0.75
C ASP A 114 -16.63 3.99 -2.03
N GLN A 115 -15.70 3.06 -2.26
CA GLN A 115 -15.67 2.28 -3.47
C GLN A 115 -15.53 0.81 -3.18
N SER A 116 -16.31 0.01 -3.91
CA SER A 116 -16.18 -1.44 -3.81
C SER A 116 -15.80 -2.07 -5.15
N ALA A 117 -15.09 -3.20 -5.08
CA ALA A 117 -14.73 -3.96 -6.23
C ALA A 117 -14.99 -5.46 -6.08
N TYR A 118 -15.06 -6.17 -7.22
CA TYR A 118 -15.28 -7.60 -7.24
C TYR A 118 -14.29 -8.22 -8.20
N ASP A 119 -13.51 -9.17 -7.69
CA ASP A 119 -12.39 -9.75 -8.41
C ASP A 119 -11.50 -8.69 -9.07
N GLY A 120 -11.29 -7.57 -8.39
CA GLY A 120 -10.33 -6.53 -8.85
C GLY A 120 -10.87 -5.55 -9.92
N LYS A 121 -12.16 -5.67 -10.26
CA LYS A 121 -12.85 -4.72 -11.15
C LYS A 121 -13.82 -3.85 -10.38
N ASP A 122 -13.87 -2.57 -10.72
CA ASP A 122 -14.86 -1.67 -10.17
C ASP A 122 -16.26 -2.31 -10.17
N TYR A 123 -16.94 -2.20 -9.05
CA TYR A 123 -18.27 -2.78 -8.92
C TYR A 123 -19.28 -1.69 -8.58
N ILE A 124 -19.13 -1.05 -7.42
CA ILE A 124 -20.00 0.07 -7.06
C ILE A 124 -19.18 1.16 -6.34
N ALA A 125 -19.46 2.43 -6.67
CA ALA A 125 -18.78 3.55 -5.99
C ALA A 125 -19.76 4.66 -5.62
N LEU A 126 -19.55 5.25 -4.45
CA LEU A 126 -20.34 6.38 -4.02
C LEU A 126 -19.83 7.57 -4.79
N ASN A 127 -20.73 8.35 -5.39
CA ASN A 127 -20.30 9.53 -6.17
C ASN A 127 -19.82 10.63 -5.24
N GLU A 128 -19.09 11.58 -5.78
CA GLU A 128 -18.53 12.68 -4.97
C GLU A 128 -19.59 13.48 -4.21
N ASP A 129 -20.82 13.50 -4.74
CA ASP A 129 -21.90 14.20 -4.04
C ASP A 129 -22.35 13.50 -2.76
N LEU A 130 -21.80 12.32 -2.50
CA LEU A 130 -22.13 11.50 -1.34
C LEU A 130 -23.64 11.19 -1.24
N SER A 131 -24.33 11.13 -2.39
CA SER A 131 -25.78 10.97 -2.37
C SER A 131 -26.29 9.94 -3.34
N SER A 132 -25.45 9.56 -4.31
CA SER A 132 -25.88 8.70 -5.42
C SER A 132 -24.78 7.70 -5.69
N TRP A 133 -25.14 6.61 -6.38
CA TRP A 133 -24.16 5.53 -6.64
C TRP A 133 -23.82 5.40 -8.11
N THR A 134 -22.60 4.96 -8.41
CA THR A 134 -22.24 4.54 -9.75
C THR A 134 -22.05 3.03 -9.72
N ALA A 135 -22.94 2.30 -10.38
CA ALA A 135 -22.86 0.83 -10.45
C ALA A 135 -22.30 0.42 -11.80
N ALA A 136 -21.32 -0.48 -11.80
CA ALA A 136 -20.57 -0.84 -13.02
C ALA A 136 -21.35 -1.67 -14.02
N ASP A 137 -22.26 -2.52 -13.56
CA ASP A 137 -22.97 -3.45 -14.48
C ASP A 137 -24.33 -3.81 -13.90
N THR A 138 -25.05 -4.75 -14.55
CA THR A 138 -26.39 -5.11 -14.07
C THR A 138 -26.37 -5.84 -12.73
N ALA A 139 -25.25 -6.50 -12.43
CA ALA A 139 -25.10 -7.10 -11.09
C ALA A 139 -25.03 -6.03 -9.99
N ALA A 140 -24.14 -5.06 -10.18
CA ALA A 140 -23.97 -3.96 -9.23
C ALA A 140 -25.27 -3.10 -9.06
N GLN A 141 -26.15 -3.13 -10.07
CA GLN A 141 -27.44 -2.44 -9.99
C GLN A 141 -28.35 -3.05 -8.91
N ILE A 142 -28.20 -4.35 -8.68
CA ILE A 142 -28.94 -5.06 -7.64
C ILE A 142 -28.46 -4.56 -6.28
N THR A 143 -27.15 -4.51 -6.12
CA THR A 143 -26.54 -3.94 -4.92
C THR A 143 -27.00 -2.49 -4.72
N GLN A 144 -27.00 -1.72 -5.79
CA GLN A 144 -27.44 -0.32 -5.71
C GLN A 144 -28.87 -0.20 -5.16
N ARG A 145 -29.79 -1.00 -5.70
CA ARG A 145 -31.17 -0.94 -5.23
C ARG A 145 -31.27 -1.34 -3.77
N LYS A 146 -30.57 -2.39 -3.36
CA LYS A 146 -30.56 -2.78 -1.96
C LYS A 146 -30.02 -1.65 -1.08
N TRP A 147 -28.95 -1.00 -1.54
CA TRP A 147 -28.29 0.07 -0.76
C TRP A 147 -29.13 1.34 -0.68
N GLU A 148 -29.87 1.63 -1.73
CA GLU A 148 -30.87 2.69 -1.67
C GLU A 148 -32.02 2.44 -0.68
N ALA A 149 -32.47 1.19 -0.60
CA ALA A 149 -33.56 0.80 0.29
C ALA A 149 -33.14 0.94 1.76
N ALA A 150 -31.87 0.65 2.03
CA ALA A 150 -31.36 0.74 3.39
C ALA A 150 -30.79 2.13 3.68
N ARG A 151 -30.99 3.08 2.77
CA ARG A 151 -30.46 4.47 2.90
C ARG A 151 -28.96 4.52 3.27
N VAL A 152 -28.16 3.68 2.62
CA VAL A 152 -26.72 3.62 2.91
C VAL A 152 -26.01 4.94 2.57
N ALA A 153 -26.35 5.54 1.43
CA ALA A 153 -25.61 6.75 0.99
C ALA A 153 -25.75 7.84 2.04
N GLU A 154 -26.93 7.92 2.63
CA GLU A 154 -27.22 8.92 3.63
C GLU A 154 -26.46 8.67 4.91
N GLN A 155 -26.27 7.39 5.22
CA GLN A 155 -25.55 7.05 6.41
C GLN A 155 -24.07 7.33 6.19
N LEU A 156 -23.59 7.05 4.98
CA LEU A 156 -22.19 7.28 4.64
C LEU A 156 -21.87 8.76 4.65
N ARG A 157 -22.73 9.56 4.01
CA ARG A 157 -22.55 11.01 4.03
C ARG A 157 -22.40 11.50 5.48
N ALA A 158 -23.28 11.04 6.37
CA ALA A 158 -23.23 11.48 7.77
C ALA A 158 -21.91 11.08 8.46
N TYR A 159 -21.44 9.86 8.20
CA TYR A 159 -20.16 9.38 8.71
C TYR A 159 -18.98 10.16 8.09
N LEU A 160 -18.97 10.30 6.76
CA LEU A 160 -17.83 10.90 6.06
C LEU A 160 -17.66 12.34 6.45
N GLU A 161 -18.77 13.06 6.58
CA GLU A 161 -18.79 14.45 7.00
C GLU A 161 -18.64 14.69 8.53
N GLY A 162 -18.98 13.69 9.32
CA GLY A 162 -18.94 13.83 10.77
C GLY A 162 -17.81 13.02 11.41
N LEU A 163 -18.12 11.78 11.78
CA LEU A 163 -17.21 10.92 12.53
C LEU A 163 -15.87 10.70 11.84
N CYS A 164 -15.89 10.39 10.55
CA CYS A 164 -14.64 10.15 9.83
C CYS A 164 -13.70 11.31 10.05
N VAL A 165 -14.22 12.52 9.88
CA VAL A 165 -13.41 13.73 9.96
C VAL A 165 -12.97 14.01 11.39
N GLU A 166 -13.88 13.93 12.33
N GLU A 166 -13.91 13.90 12.33
CA GLU A 166 -13.60 14.11 13.75
CA GLU A 166 -13.62 14.11 13.76
C GLU A 166 -12.49 13.17 14.25
C GLU A 166 -12.55 13.16 14.26
N TRP A 167 -12.65 11.87 13.92
CA TRP A 167 -11.65 10.91 14.37
C TRP A 167 -10.31 11.08 13.66
N LEU A 168 -10.32 11.35 12.35
CA LEU A 168 -9.08 11.72 11.63
C LEU A 168 -8.32 12.88 12.34
N ARG A 169 -9.05 13.91 12.76
N ARG A 169 -9.05 13.90 12.76
CA ARG A 169 -8.41 15.06 13.42
CA ARG A 169 -8.46 15.06 13.43
C ARG A 169 -7.86 14.67 14.79
C ARG A 169 -7.86 14.66 14.78
N ARG A 170 -8.57 13.80 15.50
CA ARG A 170 -8.08 13.31 16.79
C ARG A 170 -6.78 12.50 16.59
N TYR A 171 -6.76 11.65 15.56
CA TYR A 171 -5.58 10.82 15.30
C TYR A 171 -4.41 11.71 14.94
N LEU A 172 -4.68 12.72 14.12
CA LEU A 172 -3.63 13.67 13.69
C LEU A 172 -3.02 14.43 14.89
N GLU A 173 -3.83 14.75 15.89
CA GLU A 173 -3.34 15.42 17.08
C GLU A 173 -2.58 14.42 17.96
N ASN A 174 -3.17 13.25 18.19
CA ASN A 174 -2.52 12.23 19.01
C ASN A 174 -1.18 11.76 18.46
N GLY A 175 -1.10 11.63 17.13
CA GLY A 175 0.11 11.17 16.49
C GLY A 175 0.88 12.29 15.79
N LYS A 176 0.69 13.51 16.26
CA LYS A 176 1.25 14.66 15.57
C LYS A 176 2.76 14.64 15.39
N GLU A 177 3.50 14.05 16.34
CA GLU A 177 4.97 13.98 16.18
C GLU A 177 5.45 13.17 15.00
N THR A 178 4.61 12.24 14.53
CA THR A 178 4.97 11.45 13.37
C THR A 178 4.06 11.79 12.17
N LEU A 179 2.76 11.78 12.37
CA LEU A 179 1.83 11.97 11.26
C LEU A 179 1.97 13.35 10.64
N GLN A 180 2.30 14.36 11.46
CA GLN A 180 2.41 15.74 10.99
C GLN A 180 3.87 16.15 10.83
N ARG A 181 4.73 15.16 10.71
CA ARG A 181 6.15 15.40 10.50
C ARG A 181 6.55 14.85 9.14
N ALA A 182 7.00 15.72 8.25
CA ALA A 182 7.51 15.27 6.96
C ALA A 182 9.04 15.08 7.03
N ASP A 183 9.50 13.86 6.79
CA ASP A 183 10.95 13.60 6.78
C ASP A 183 11.46 13.70 5.36
N PRO A 184 12.38 14.62 5.11
CA PRO A 184 12.88 14.84 3.77
C PRO A 184 13.69 13.62 3.29
N PRO A 185 13.78 13.39 1.98
CA PRO A 185 14.62 12.32 1.46
C PRO A 185 16.10 12.63 1.67
N LYS A 186 16.90 11.61 1.95
CA LYS A 186 18.37 11.70 1.84
C LYS A 186 18.70 11.27 0.44
N THR A 187 19.53 12.05 -0.24
CA THR A 187 19.74 11.80 -1.66
C THR A 187 21.20 11.68 -2.07
N HIS A 188 21.45 10.90 -3.12
CA HIS A 188 22.77 10.89 -3.77
C HIS A 188 22.62 10.32 -5.17
N VAL A 189 23.68 10.45 -5.96
CA VAL A 189 23.66 10.01 -7.35
C VAL A 189 24.84 9.03 -7.51
N THR A 190 24.55 7.80 -7.95
CA THR A 190 25.61 6.81 -8.24
C THR A 190 25.83 6.74 -9.73
N HIS A 191 27.00 6.22 -10.11
CA HIS A 191 27.44 6.13 -11.50
C HIS A 191 28.05 4.75 -11.65
N HIS A 192 27.61 4.00 -12.66
CA HIS A 192 28.15 2.65 -12.95
C HIS A 192 28.29 2.50 -14.47
N PRO A 193 29.53 2.33 -14.97
CA PRO A 193 29.64 2.07 -16.41
C PRO A 193 28.85 0.84 -16.81
N VAL A 194 28.22 0.88 -17.98
CA VAL A 194 27.57 -0.30 -18.58
C VAL A 194 28.38 -0.87 -19.75
N SER A 195 29.10 0.01 -20.43
CA SER A 195 29.96 -0.38 -21.55
C SER A 195 31.01 0.71 -21.69
N ASP A 196 31.81 0.65 -22.75
CA ASP A 196 32.84 1.67 -22.93
C ASP A 196 32.27 3.06 -23.12
N HIS A 197 31.06 3.12 -23.66
CA HIS A 197 30.54 4.38 -24.17
C HIS A 197 29.26 4.86 -23.44
N GLU A 198 28.73 4.03 -22.56
CA GLU A 198 27.55 4.39 -21.80
C GLU A 198 27.68 4.08 -20.30
N ALA A 199 27.00 4.89 -19.49
CA ALA A 199 26.97 4.71 -18.04
C ALA A 199 25.57 4.99 -17.48
N THR A 200 25.26 4.36 -16.35
CA THR A 200 24.00 4.57 -15.64
C THR A 200 24.20 5.61 -14.54
N LEU A 201 23.40 6.66 -14.56
CA LEU A 201 23.32 7.55 -13.41
C LEU A 201 22.04 7.17 -12.70
N ARG A 202 22.14 6.90 -11.39
CA ARG A 202 20.99 6.56 -10.56
C ARG A 202 20.82 7.61 -9.47
N CYS A 203 19.65 8.22 -9.43
CA CYS A 203 19.34 9.21 -8.42
C CYS A 203 18.50 8.56 -7.31
N TRP A 204 19.03 8.59 -6.09
CA TRP A 204 18.46 7.86 -4.97
C TRP A 204 17.79 8.83 -3.99
N ALA A 205 16.62 8.44 -3.48
CA ALA A 205 15.97 9.14 -2.37
C ALA A 205 15.61 8.12 -1.28
N LEU A 206 16.13 8.34 -0.07
CA LEU A 206 15.95 7.40 1.05
C LEU A 206 15.44 8.09 2.30
N GLY A 207 14.72 7.34 3.13
CA GLY A 207 14.33 7.82 4.45
C GLY A 207 13.22 8.85 4.48
N PHE A 208 12.43 8.96 3.41
CA PHE A 208 11.41 10.02 3.39
C PHE A 208 9.99 9.61 3.83
N TYR A 209 9.23 10.60 4.29
CA TYR A 209 7.84 10.41 4.69
C TYR A 209 7.13 11.77 4.55
N PRO A 210 5.93 11.81 3.94
CA PRO A 210 5.15 10.70 3.39
C PRO A 210 5.71 10.16 2.06
N ALA A 211 5.02 9.16 1.51
CA ALA A 211 5.47 8.46 0.28
C ALA A 211 5.53 9.32 -0.95
N GLU A 212 4.66 10.33 -1.01
CA GLU A 212 4.58 11.24 -2.15
C GLU A 212 5.92 11.96 -2.41
N ILE A 213 6.47 11.80 -3.61
CA ILE A 213 7.76 12.41 -3.99
C ILE A 213 7.82 12.48 -5.51
N THR A 214 8.60 13.42 -6.03
CA THR A 214 8.82 13.47 -7.48
C THR A 214 10.31 13.40 -7.77
N LEU A 215 10.73 12.42 -8.56
CA LEU A 215 12.12 12.26 -8.98
C LEU A 215 12.17 12.22 -10.49
N THR A 216 12.92 13.16 -11.06
CA THR A 216 13.03 13.25 -12.52
C THR A 216 14.49 13.44 -12.90
N TRP A 217 14.86 12.98 -14.10
CA TRP A 217 16.14 13.33 -14.71
C TRP A 217 15.92 14.29 -15.89
N GLN A 218 16.81 15.27 -16.02
CA GLN A 218 16.82 16.22 -17.13
C GLN A 218 18.15 16.16 -17.86
N ARG A 219 18.09 16.28 -19.20
CA ARG A 219 19.27 16.46 -20.06
C ARG A 219 19.13 17.85 -20.70
N ASP A 220 20.09 18.72 -20.39
CA ASP A 220 20.09 20.15 -20.76
C ASP A 220 18.85 20.92 -20.27
N GLY A 221 18.30 20.54 -19.13
CA GLY A 221 17.13 21.22 -18.58
C GLY A 221 15.78 20.78 -19.15
N GLU A 222 15.76 19.66 -19.88
CA GLU A 222 14.47 19.11 -20.31
C GLU A 222 14.26 17.67 -19.86
N ASP A 223 12.99 17.36 -19.55
CA ASP A 223 12.58 16.08 -18.97
C ASP A 223 12.97 14.88 -19.82
N GLN A 224 13.30 13.78 -19.16
CA GLN A 224 13.75 12.56 -19.83
C GLN A 224 12.81 11.40 -19.56
N THR A 225 11.51 11.67 -19.73
CA THR A 225 10.44 10.76 -19.32
C THR A 225 10.53 9.35 -19.93
N GLN A 226 10.69 9.26 -21.25
CA GLN A 226 10.80 7.97 -21.89
C GLN A 226 12.09 7.23 -21.56
N ASP A 227 13.16 7.94 -21.18
CA ASP A 227 14.44 7.28 -20.98
C ASP A 227 14.78 6.97 -19.51
N THR A 228 13.96 7.48 -18.60
CA THR A 228 14.18 7.25 -17.18
C THR A 228 13.55 5.93 -16.71
N GLU A 229 14.36 5.04 -16.15
CA GLU A 229 13.81 3.88 -15.44
C GLU A 229 13.43 4.31 -14.02
N LEU A 230 12.15 4.22 -13.71
CA LEU A 230 11.60 4.73 -12.45
C LEU A 230 11.07 3.54 -11.65
N VAL A 231 11.58 3.35 -10.44
CA VAL A 231 11.17 2.23 -9.61
C VAL A 231 9.96 2.66 -8.75
N GLU A 232 9.05 1.73 -8.44
N GLU A 232 9.07 1.72 -8.43
CA GLU A 232 7.91 2.03 -7.58
CA GLU A 232 7.91 2.05 -7.59
C GLU A 232 8.42 2.43 -6.19
C GLU A 232 8.39 2.41 -6.18
N THR A 233 7.81 3.46 -5.60
CA THR A 233 8.18 3.90 -4.25
C THR A 233 7.94 2.71 -3.31
N ARG A 234 8.87 2.46 -2.39
CA ARG A 234 8.85 1.22 -1.59
C ARG A 234 9.06 1.52 -0.12
N PRO A 235 8.43 0.72 0.78
CA PRO A 235 8.60 1.00 2.19
C PRO A 235 9.95 0.45 2.69
N ALA A 236 10.61 1.25 3.52
CA ALA A 236 11.86 0.81 4.16
C ALA A 236 11.57 -0.15 5.30
N GLY A 237 10.37 -0.02 5.87
CA GLY A 237 9.98 -0.86 6.99
C GLY A 237 9.99 -0.14 8.33
N ASP A 238 10.53 1.08 8.37
CA ASP A 238 10.62 1.86 9.60
C ASP A 238 9.74 3.13 9.47
N ARG A 239 8.66 3.01 8.69
CA ARG A 239 7.71 4.09 8.33
C ARG A 239 8.14 4.92 7.13
N THR A 240 9.44 4.95 6.82
CA THR A 240 9.97 5.74 5.69
C THR A 240 9.92 4.99 4.36
N PHE A 241 10.17 5.72 3.28
CA PHE A 241 10.04 5.21 1.94
C PHE A 241 11.29 5.47 1.15
N GLN A 242 11.43 4.72 0.05
CA GLN A 242 12.62 4.75 -0.82
C GLN A 242 12.19 4.82 -2.29
N LYS A 243 13.02 5.45 -3.11
CA LYS A 243 12.75 5.49 -4.53
C LYS A 243 14.05 5.80 -5.27
N TRP A 244 14.17 5.30 -6.49
CA TRP A 244 15.24 5.78 -7.39
C TRP A 244 14.75 5.94 -8.81
N ALA A 245 15.52 6.71 -9.59
CA ALA A 245 15.30 6.94 -11.01
C ALA A 245 16.69 6.85 -11.71
N ALA A 246 16.73 6.13 -12.82
CA ALA A 246 17.99 5.91 -13.52
C ALA A 246 17.92 6.33 -15.01
N VAL A 247 19.00 6.92 -15.50
CA VAL A 247 19.17 7.15 -16.94
C VAL A 247 20.48 6.55 -17.40
N VAL A 248 20.51 6.09 -18.65
CA VAL A 248 21.74 5.64 -19.27
C VAL A 248 22.22 6.73 -20.21
N VAL A 249 23.43 7.19 -19.96
CA VAL A 249 23.97 8.37 -20.62
C VAL A 249 25.24 8.04 -21.42
N PRO A 250 25.45 8.73 -22.56
CA PRO A 250 26.74 8.61 -23.25
C PRO A 250 27.87 9.09 -22.34
N SER A 251 28.97 8.33 -22.27
CA SER A 251 30.10 8.71 -21.43
C SER A 251 30.69 10.02 -21.90
N GLY A 252 30.97 10.91 -20.94
CA GLY A 252 31.41 12.26 -21.27
C GLY A 252 30.28 13.28 -21.20
N GLU A 253 29.03 12.82 -21.20
CA GLU A 253 27.90 13.74 -21.20
C GLU A 253 27.19 13.86 -19.83
N GLU A 254 27.85 13.33 -18.80
CA GLU A 254 27.25 13.21 -17.47
C GLU A 254 26.79 14.52 -16.89
N GLN A 255 27.54 15.58 -17.15
CA GLN A 255 27.28 16.87 -16.56
C GLN A 255 26.07 17.57 -17.20
N ARG A 256 25.61 17.03 -18.32
CA ARG A 256 24.43 17.56 -19.02
C ARG A 256 23.14 17.08 -18.31
N TYR A 257 23.31 16.17 -17.34
CA TYR A 257 22.21 15.51 -16.64
C TYR A 257 22.01 16.02 -15.21
N THR A 258 20.78 16.38 -14.89
CA THR A 258 20.44 16.75 -13.53
C THR A 258 19.25 15.96 -13.05
N CYS A 259 19.31 15.61 -11.77
CA CYS A 259 18.21 14.96 -11.04
C CYS A 259 17.47 15.97 -10.15
N HIS A 260 16.14 15.94 -10.22
CA HIS A 260 15.30 16.88 -9.50
C HIS A 260 14.38 16.15 -8.53
N VAL A 261 14.42 16.60 -7.28
CA VAL A 261 13.58 15.99 -6.23
C VAL A 261 12.74 17.03 -5.49
N GLN A 262 11.45 16.74 -5.45
CA GLN A 262 10.45 17.52 -4.71
C GLN A 262 9.80 16.61 -3.69
N HIS A 263 9.75 17.10 -2.45
CA HIS A 263 9.16 16.38 -1.32
C HIS A 263 8.82 17.39 -0.25
N GLU A 264 7.65 17.20 0.36
CA GLU A 264 7.13 18.09 1.39
C GLU A 264 8.16 18.43 2.48
N GLY A 265 8.99 17.46 2.87
CA GLY A 265 9.94 17.68 3.95
C GLY A 265 11.19 18.51 3.63
N LEU A 266 11.32 18.92 2.38
CA LEU A 266 12.51 19.63 1.96
C LEU A 266 12.35 21.14 2.14
N PRO A 267 13.37 21.80 2.77
CA PRO A 267 13.40 23.28 2.80
C PRO A 267 13.06 23.84 1.41
N LYS A 268 13.82 23.48 0.39
N LYS A 268 13.83 23.44 0.40
CA LYS A 268 13.44 23.78 -0.98
CA LYS A 268 13.55 23.77 -0.99
C LYS A 268 13.93 22.66 -1.92
C LYS A 268 13.90 22.58 -1.89
N PRO A 269 13.27 22.49 -3.08
CA PRO A 269 13.59 21.43 -4.06
C PRO A 269 15.09 21.25 -4.32
N LEU A 270 15.50 20.01 -4.57
CA LEU A 270 16.91 19.70 -4.75
C LEU A 270 17.29 19.55 -6.23
N THR A 271 18.49 20.00 -6.55
CA THR A 271 19.07 19.78 -7.87
C THR A 271 20.39 19.05 -7.69
N LEU A 272 20.47 17.82 -8.20
CA LEU A 272 21.63 16.98 -7.98
C LEU A 272 22.30 16.59 -9.28
N ARG A 273 23.62 16.48 -9.20
CA ARG A 273 24.43 16.01 -10.32
C ARG A 273 25.30 14.89 -9.79
N TRP A 274 25.79 14.05 -10.69
CA TRP A 274 26.85 13.14 -10.32
C TRP A 274 28.11 13.96 -9.98
N GLU A 275 28.71 13.62 -8.85
CA GLU A 275 29.91 14.30 -8.36
C GLU A 275 31.02 13.27 -8.29
N PRO A 276 31.84 13.22 -9.33
CA PRO A 276 32.95 12.26 -9.51
C PRO A 276 33.82 12.13 -8.26
N MET B 1 -11.81 -13.96 -15.37
CA MET B 1 -11.07 -13.19 -14.33
C MET B 1 -9.74 -12.70 -14.86
N ILE B 2 -9.49 -11.41 -14.69
CA ILE B 2 -8.17 -10.89 -14.98
C ILE B 2 -7.32 -10.99 -13.71
N GLN B 3 -6.09 -11.46 -13.89
CA GLN B 3 -5.17 -11.61 -12.79
C GLN B 3 -3.99 -10.72 -13.09
N ARG B 4 -3.33 -10.23 -12.07
CA ARG B 4 -2.16 -9.39 -12.26
C ARG B 4 -0.96 -10.00 -11.57
N THR B 5 0.17 -10.02 -12.26
CA THR B 5 1.37 -10.64 -11.72
C THR B 5 2.12 -9.68 -10.79
N PRO B 6 2.74 -10.21 -9.72
CA PRO B 6 3.42 -9.28 -8.80
C PRO B 6 4.63 -8.60 -9.41
N LYS B 7 4.84 -7.35 -9.00
CA LYS B 7 6.13 -6.69 -9.13
C LYS B 7 6.92 -7.03 -7.89
N ILE B 8 8.24 -7.14 -8.00
CA ILE B 8 9.05 -7.64 -6.87
C ILE B 8 10.28 -6.75 -6.72
N GLN B 9 10.54 -6.25 -5.51
CA GLN B 9 11.80 -5.55 -5.27
C GLN B 9 12.44 -6.13 -4.03
N VAL B 10 13.74 -6.35 -4.09
CA VAL B 10 14.51 -6.83 -2.92
C VAL B 10 15.57 -5.81 -2.56
N TYR B 11 15.67 -5.44 -1.29
CA TYR B 11 16.52 -4.31 -0.92
C TYR B 11 16.65 -4.22 0.58
N SER B 12 17.55 -3.37 1.07
CA SER B 12 17.76 -3.28 2.51
C SER B 12 17.11 -2.03 3.06
N ARG B 13 16.72 -2.07 4.32
CA ARG B 13 16.17 -0.89 5.00
C ARG B 13 17.15 0.29 5.02
N HIS B 14 18.38 0.00 5.38
CA HIS B 14 19.46 0.99 5.48
C HIS B 14 20.52 0.69 4.41
N PRO B 15 21.28 1.73 3.98
CA PRO B 15 22.38 1.51 3.02
C PRO B 15 23.25 0.34 3.48
N ALA B 16 23.60 -0.56 2.55
CA ALA B 16 24.27 -1.80 2.96
C ALA B 16 25.74 -1.62 3.39
N GLU B 17 26.06 -2.06 4.61
CA GLU B 17 27.46 -2.08 5.04
C GLU B 17 27.87 -3.45 5.62
N ASN B 18 28.84 -4.09 4.99
CA ASN B 18 29.35 -5.41 5.39
C ASN B 18 29.70 -5.50 6.86
N GLY B 19 29.17 -6.52 7.54
CA GLY B 19 29.36 -6.67 8.98
C GLY B 19 28.37 -5.90 9.84
N LYS B 20 27.58 -5.01 9.23
CA LYS B 20 26.59 -4.22 9.96
C LYS B 20 25.16 -4.77 9.87
N SER B 21 24.52 -4.96 11.03
CA SER B 21 23.19 -5.50 11.07
C SER B 21 22.23 -4.54 10.33
N ASN B 22 21.21 -5.09 9.69
CA ASN B 22 20.36 -4.32 8.78
C ASN B 22 19.04 -5.12 8.68
N PHE B 23 18.18 -4.74 7.75
CA PHE B 23 16.96 -5.50 7.46
C PHE B 23 16.89 -5.74 5.97
N LEU B 24 16.58 -6.98 5.59
CA LEU B 24 16.41 -7.36 4.18
C LEU B 24 14.93 -7.34 3.88
N ASN B 25 14.54 -6.57 2.86
CA ASN B 25 13.15 -6.40 2.48
C ASN B 25 12.82 -7.08 1.14
N CYS B 26 11.64 -7.66 1.05
CA CYS B 26 11.09 -8.04 -0.25
C CYS B 26 9.70 -7.44 -0.37
N TYR B 27 9.53 -6.51 -1.31
CA TYR B 27 8.26 -5.81 -1.51
C TYR B 27 7.60 -6.34 -2.75
N VAL B 28 6.43 -6.96 -2.56
CA VAL B 28 5.64 -7.45 -3.68
C VAL B 28 4.42 -6.59 -3.83
N SER B 29 4.12 -6.19 -5.05
CA SER B 29 3.00 -5.26 -5.25
C SER B 29 2.42 -5.42 -6.67
N GLY B 30 1.31 -4.71 -6.91
CA GLY B 30 0.60 -4.79 -8.16
C GLY B 30 -0.03 -6.11 -8.53
N PHE B 31 -0.26 -7.01 -7.56
CA PHE B 31 -0.79 -8.34 -7.88
C PHE B 31 -2.25 -8.54 -7.50
N HIS B 32 -2.86 -9.51 -8.18
CA HIS B 32 -4.25 -9.90 -7.95
C HIS B 32 -4.41 -11.30 -8.60
N PRO B 33 -5.02 -12.27 -7.87
CA PRO B 33 -5.63 -12.17 -6.52
C PRO B 33 -4.56 -12.11 -5.40
N SER B 34 -5.01 -12.17 -4.15
CA SER B 34 -4.17 -11.80 -3.01
C SER B 34 -3.27 -12.92 -2.51
N ASP B 35 -3.63 -14.18 -2.76
CA ASP B 35 -2.78 -15.28 -2.29
C ASP B 35 -1.39 -15.16 -2.96
N ILE B 36 -0.33 -15.32 -2.17
CA ILE B 36 1.01 -15.21 -2.68
C ILE B 36 1.94 -15.89 -1.68
N GLU B 37 3.02 -16.47 -2.16
CA GLU B 37 4.06 -17.02 -1.25
C GLU B 37 5.39 -16.35 -1.49
N VAL B 38 5.98 -15.85 -0.41
CA VAL B 38 7.22 -15.12 -0.48
C VAL B 38 8.17 -15.74 0.53
N ASP B 39 9.35 -16.13 0.07
CA ASP B 39 10.45 -16.46 0.98
C ASP B 39 11.67 -15.60 0.73
N LEU B 40 12.41 -15.37 1.80
CA LEU B 40 13.72 -14.71 1.71
C LEU B 40 14.75 -15.81 1.78
N LEU B 41 15.76 -15.69 0.93
CA LEU B 41 16.76 -16.73 0.78
C LEU B 41 18.17 -16.23 1.15
N LYS B 42 18.89 -17.02 1.92
CA LYS B 42 20.32 -16.79 2.14
C LYS B 42 21.10 -17.98 1.57
N ASN B 43 21.96 -17.70 0.59
CA ASN B 43 22.67 -18.74 -0.19
C ASN B 43 21.77 -19.93 -0.60
N GLY B 44 20.57 -19.60 -1.08
CA GLY B 44 19.64 -20.59 -1.61
C GLY B 44 18.69 -21.23 -0.62
N GLU B 45 18.87 -20.98 0.68
CA GLU B 45 18.04 -21.62 1.73
C GLU B 45 17.09 -20.62 2.35
N ARG B 46 15.85 -21.06 2.49
CA ARG B 46 14.79 -20.27 3.10
C ARG B 46 15.19 -19.80 4.50
N ILE B 47 15.09 -18.48 4.73
CA ILE B 47 15.36 -17.90 6.04
C ILE B 47 14.15 -18.12 6.94
N GLU B 48 14.40 -18.52 8.18
CA GLU B 48 13.33 -19.02 9.01
C GLU B 48 12.36 -17.98 9.54
N LYS B 49 12.81 -16.91 10.20
CA LYS B 49 11.82 -16.12 10.96
C LYS B 49 11.27 -14.83 10.31
N VAL B 50 10.88 -14.93 9.03
CA VAL B 50 10.51 -13.79 8.20
C VAL B 50 9.12 -13.26 8.59
N GLU B 51 9.00 -11.95 8.74
CA GLU B 51 7.71 -11.34 9.08
C GLU B 51 7.16 -10.61 7.87
N HIS B 52 5.91 -10.16 7.95
CA HIS B 52 5.28 -9.48 6.83
C HIS B 52 4.20 -8.53 7.31
N SER B 53 3.90 -7.54 6.48
CA SER B 53 2.90 -6.54 6.77
C SER B 53 1.49 -7.13 6.55
N ASP B 54 0.49 -6.42 7.04
CA ASP B 54 -0.90 -6.81 6.91
C ASP B 54 -1.33 -6.53 5.48
N LEU B 55 -2.20 -7.38 4.95
CA LEU B 55 -2.68 -7.26 3.56
C LEU B 55 -3.40 -5.93 3.30
N SER B 56 -2.91 -5.18 2.33
CA SER B 56 -3.61 -3.97 1.92
C SER B 56 -3.54 -3.87 0.42
N PHE B 57 -4.15 -2.83 -0.13
CA PHE B 57 -4.14 -2.66 -1.59
C PHE B 57 -4.14 -1.21 -2.03
N SER B 58 -3.74 -1.02 -3.28
CA SER B 58 -3.59 0.29 -3.88
C SER B 58 -4.90 0.77 -4.46
N LYS B 59 -4.87 2.01 -4.94
CA LYS B 59 -6.05 2.63 -5.57
C LYS B 59 -6.58 1.85 -6.77
N ASP B 60 -5.70 1.15 -7.46
CA ASP B 60 -6.12 0.29 -8.57
C ASP B 60 -6.59 -1.11 -8.15
N TRP B 61 -6.83 -1.32 -6.83
CA TRP B 61 -7.25 -2.62 -6.26
C TRP B 61 -6.16 -3.66 -6.13
N SER B 62 -4.98 -3.40 -6.68
CA SER B 62 -3.94 -4.42 -6.65
C SER B 62 -3.32 -4.48 -5.26
N PHE B 63 -2.95 -5.68 -4.80
CA PHE B 63 -2.47 -5.91 -3.43
C PHE B 63 -0.96 -5.64 -3.28
N TYR B 64 -0.52 -5.37 -2.06
CA TYR B 64 0.92 -5.25 -1.77
C TYR B 64 1.26 -5.73 -0.36
N LEU B 65 2.47 -6.29 -0.22
CA LEU B 65 2.95 -6.81 1.05
C LEU B 65 4.44 -6.56 1.13
N LEU B 66 4.92 -6.27 2.33
CA LEU B 66 6.32 -6.25 2.63
C LEU B 66 6.72 -7.43 3.52
N TYR B 67 7.69 -8.22 3.06
CA TYR B 67 8.32 -9.29 3.85
C TYR B 67 9.70 -8.81 4.28
N TYR B 68 10.10 -9.12 5.52
CA TYR B 68 11.36 -8.57 6.04
C TYR B 68 11.96 -9.42 7.14
N THR B 69 13.28 -9.32 7.27
CA THR B 69 13.98 -10.03 8.30
C THR B 69 15.30 -9.33 8.63
N GLU B 70 15.72 -9.41 9.90
N GLU B 70 15.73 -9.38 9.89
CA GLU B 70 17.06 -8.95 10.30
CA GLU B 70 17.06 -8.87 10.23
C GLU B 70 18.11 -9.75 9.53
C GLU B 70 18.12 -9.74 9.56
N PHE B 71 19.13 -9.09 9.00
CA PHE B 71 20.29 -9.79 8.41
C PHE B 71 21.55 -8.94 8.46
N THR B 72 22.69 -9.60 8.44
CA THR B 72 24.00 -8.93 8.40
C THR B 72 24.70 -9.23 7.07
N PRO B 73 24.69 -8.25 6.15
CA PRO B 73 25.26 -8.49 4.82
C PRO B 73 26.77 -8.64 4.88
N THR B 74 27.33 -9.48 4.01
CA THR B 74 28.76 -9.74 3.96
C THR B 74 29.16 -9.66 2.50
N GLU B 75 30.46 -9.67 2.23
CA GLU B 75 30.97 -9.70 0.87
C GLU B 75 30.42 -10.86 0.05
N LYS B 76 30.30 -12.04 0.67
CA LYS B 76 30.08 -13.26 -0.14
C LYS B 76 28.71 -13.98 -0.04
N ASP B 77 27.99 -13.78 1.06
CA ASP B 77 26.62 -14.29 1.21
C ASP B 77 25.70 -13.68 0.17
N GLU B 78 24.91 -14.53 -0.48
CA GLU B 78 24.00 -14.08 -1.53
C GLU B 78 22.59 -14.14 -1.00
N TYR B 79 21.89 -13.01 -1.11
CA TYR B 79 20.51 -12.89 -0.66
C TYR B 79 19.56 -12.81 -1.85
N ALA B 80 18.34 -13.29 -1.65
CA ALA B 80 17.35 -13.29 -2.73
C ALA B 80 15.94 -13.32 -2.14
N CYS B 81 14.95 -13.08 -3.00
CA CYS B 81 13.56 -13.23 -2.64
C CYS B 81 12.98 -14.28 -3.59
N ARG B 82 12.21 -15.24 -3.07
CA ARG B 82 11.54 -16.22 -3.93
C ARG B 82 10.03 -16.01 -3.85
N VAL B 83 9.42 -15.75 -5.00
CA VAL B 83 7.99 -15.42 -5.07
C VAL B 83 7.19 -16.37 -5.96
N ASN B 84 6.09 -16.92 -5.43
CA ASN B 84 5.14 -17.63 -6.28
C ASN B 84 3.72 -17.03 -6.17
N HIS B 85 3.00 -17.08 -7.29
CA HIS B 85 1.65 -16.49 -7.44
C HIS B 85 0.90 -17.30 -8.51
N VAL B 86 -0.43 -17.21 -8.56
CA VAL B 86 -1.17 -17.98 -9.55
C VAL B 86 -0.71 -17.64 -10.99
N THR B 87 -0.39 -16.38 -11.23
CA THR B 87 0.09 -15.91 -12.55
C THR B 87 1.48 -16.44 -12.97
N LEU B 88 2.23 -17.06 -12.05
CA LEU B 88 3.60 -17.53 -12.34
C LEU B 88 3.67 -19.04 -12.57
N SER B 89 4.28 -19.48 -13.66
CA SER B 89 4.47 -20.90 -13.95
C SER B 89 5.30 -21.61 -12.89
N GLN B 90 6.35 -20.94 -12.44
CA GLN B 90 7.21 -21.46 -11.37
C GLN B 90 7.70 -20.26 -10.56
N PRO B 91 8.24 -20.50 -9.34
CA PRO B 91 8.69 -19.37 -8.54
C PRO B 91 9.65 -18.45 -9.30
N LYS B 92 9.60 -17.16 -9.00
CA LYS B 92 10.53 -16.19 -9.55
C LYS B 92 11.52 -15.80 -8.46
N ILE B 93 12.79 -15.89 -8.79
CA ILE B 93 13.83 -15.55 -7.84
C ILE B 93 14.44 -14.23 -8.28
N VAL B 94 14.46 -13.27 -7.36
CA VAL B 94 15.07 -11.97 -7.62
C VAL B 94 16.18 -11.82 -6.60
N LYS B 95 17.38 -11.57 -7.09
CA LYS B 95 18.54 -11.52 -6.19
C LYS B 95 18.65 -10.14 -5.56
N TRP B 96 19.22 -10.06 -4.37
CA TRP B 96 19.50 -8.77 -3.76
C TRP B 96 20.76 -8.17 -4.36
N ASP B 97 20.63 -6.96 -4.87
CA ASP B 97 21.75 -6.20 -5.41
C ASP B 97 21.79 -4.88 -4.65
N ARG B 98 22.91 -4.62 -3.96
CA ARG B 98 22.95 -3.45 -3.06
C ARG B 98 22.86 -2.08 -3.73
N ASP B 99 23.09 -2.00 -5.05
N ASP B 99 23.06 -2.06 -5.05
CA ASP B 99 22.85 -0.73 -5.78
CA ASP B 99 22.93 -0.87 -5.89
C ASP B 99 21.54 -0.76 -6.57
C ASP B 99 21.55 -0.77 -6.58
N MET B 100 20.56 -1.50 -6.05
CA MET B 100 19.21 -1.59 -6.66
C MET B 100 18.07 -1.51 -5.63
N LEU C 1 -11.65 5.72 13.19
CA LEU C 1 -12.88 4.93 13.51
C LEU C 1 -13.61 4.52 12.22
N PRO C 2 -13.95 3.22 12.08
CA PRO C 2 -14.65 2.77 10.87
C PRO C 2 -16.15 3.11 10.81
N PHE C 3 -16.70 2.97 9.61
CA PHE C 3 -18.15 3.12 9.38
C PHE C 3 -18.89 2.02 10.13
N GLU C 4 -19.93 2.39 10.87
CA GLU C 4 -20.55 1.49 11.83
C GLU C 4 -21.69 0.67 11.24
N LYS C 5 -22.12 0.99 10.02
CA LYS C 5 -23.24 0.24 9.42
C LYS C 5 -22.75 -0.78 8.42
N SER C 6 -23.29 -1.97 8.50
CA SER C 6 -22.93 -3.01 7.54
C SER C 6 -24.15 -3.21 6.68
N THR C 7 -24.00 -3.38 5.36
CA THR C 7 -25.16 -3.76 4.54
C THR C 7 -24.76 -4.73 3.48
N VAL C 8 -25.45 -5.86 3.47
CA VAL C 8 -25.24 -6.93 2.49
C VAL C 8 -25.41 -6.36 1.11
N MET C 9 -24.57 -6.81 0.17
CA MET C 9 -24.60 -6.33 -1.22
C MET C 9 -25.57 -7.17 -2.03
#